data_3IK2
#
_entry.id   3IK2
#
_cell.length_a   54.078
_cell.length_b   87.285
_cell.length_c   103.288
_cell.angle_alpha   90.000
_cell.angle_beta   90.000
_cell.angle_gamma   90.000
#
_symmetry.space_group_name_H-M   'P 21 21 21'
#
loop_
_entity.id
_entity.type
_entity.pdbx_description
1 polymer 'Endoglucanase A'
2 non-polymer 'CHLORIDE ION'
3 non-polymer 'CALCIUM ION'
4 non-polymer GLYCEROL
5 non-polymer 'SULFATE ION'
6 non-polymer 'ACETATE ION'
7 water water
#
_entity_poly.entity_id   1
_entity_poly.type   'polypeptide(L)'
_entity_poly.pdbx_seq_one_letter_code
;MDVNVNIDTNAEKQAISPYIYGTNQDFSNAKVTARRIGGNRSTGYNWENNDSNAGTDWKNESDNYWLTLYDVPKEKYNEP
ASVYTAFHDKSLAMGVPYSLVTLQAGGYVAADQSGPLANTDVAPSSKWKKVEFNKNGPLSLTPDTTDGSVYMDEFVNYLV
NKYGSASGSKGIKGYSLDNEPSLWPSTHPLIHPDKTKCSEVLDKDTQLAQVVKKIDPAAETFGPALFGFSAFNDFNSSPD
WSSVKGNYQWFIDYYLDNMKKNSDAAGKRLLDALDLHWYPEAKGGGQRVTTSDTSNVDCNKARMQAPRSLWDSTYTEDSW
IGQWCKWGLPLIPKVKSSIDKYYPGTKLSFSEYNYGGEDHISGGIAQADALGVFGKYGVYFATYWECNSDKNNYVQSAFN
LYNNYDGNNSKYGDTDVKCDTSDINNSSTYASVTSNDGNKMDIIVMNKNYTDSINFNFNVSSNKNYTSGQVWGFDSNSSN
ITKRDDVSSISGNKFTYKIPALTAVHIVLLEHHHHHH
;
_entity_poly.pdbx_strand_id   A
#
# COMPACT_ATOMS: atom_id res chain seq x y z
N MET A 1 12.99 28.69 13.70
CA MET A 1 14.01 27.82 14.39
C MET A 1 15.04 27.38 13.34
N ASP A 2 16.18 26.91 13.78
CA ASP A 2 17.19 26.44 12.85
C ASP A 2 17.29 24.94 12.97
N VAL A 3 17.39 24.27 11.83
CA VAL A 3 17.48 22.84 11.78
C VAL A 3 18.64 22.51 10.83
N ASN A 4 19.55 21.65 11.25
CA ASN A 4 20.65 21.19 10.39
C ASN A 4 20.24 19.93 9.64
N VAL A 5 20.62 19.86 8.37
CA VAL A 5 20.38 18.66 7.57
C VAL A 5 21.69 18.24 6.94
N ASN A 6 22.16 17.07 7.35
CA ASN A 6 23.40 16.47 6.89
C ASN A 6 23.13 15.34 5.90
N ILE A 7 23.48 15.60 4.64
CA ILE A 7 23.33 14.62 3.58
C ILE A 7 24.70 14.01 3.21
N ASP A 8 24.75 12.70 3.04
CA ASP A 8 25.92 12.04 2.51
C ASP A 8 25.51 11.12 1.36
N THR A 9 25.82 11.49 0.12
CA THR A 9 25.37 10.71 -1.05
C THR A 9 26.12 9.38 -1.22
N ASN A 10 27.09 9.13 -0.34
CA ASN A 10 27.92 7.92 -0.37
C ASN A 10 27.73 7.09 0.89
N ALA A 11 26.73 7.46 1.70
CA ALA A 11 26.36 6.68 2.87
C ALA A 11 24.87 6.30 2.91
N GLU A 12 24.63 5.16 3.56
CA GLU A 12 23.30 4.59 3.86
C GLU A 12 22.40 4.55 2.63
N LYS A 13 23.00 4.11 1.52
CA LYS A 13 22.34 4.07 0.24
C LYS A 13 21.31 2.95 0.25
N GLN A 14 20.15 3.22 -0.32
CA GLN A 14 19.08 2.24 -0.33
C GLN A 14 18.29 2.41 -1.63
N ALA A 15 18.19 1.33 -2.42
CA ALA A 15 17.32 1.32 -3.58
C ALA A 15 15.86 1.66 -3.15
N ILE A 16 15.28 2.67 -3.76
CA ILE A 16 13.86 2.95 -3.59
C ILE A 16 13.06 2.14 -4.63
N SER A 17 12.16 1.26 -4.19
CA SER A 17 11.31 0.52 -5.11
C SER A 17 10.38 1.52 -5.82
N PRO A 18 10.29 1.44 -7.17
CA PRO A 18 9.38 2.35 -7.87
C PRO A 18 7.87 2.19 -7.52
N TYR A 19 7.47 1.06 -6.92
CA TYR A 19 6.05 0.74 -6.74
C TYR A 19 5.43 1.20 -5.42
N ILE A 20 6.15 2.00 -4.64
CA ILE A 20 5.61 2.62 -3.43
C ILE A 20 4.59 3.75 -3.66
N TYR A 21 4.52 4.28 -4.88
CA TYR A 21 3.68 5.46 -5.20
C TYR A 21 2.37 5.02 -5.85
N GLY A 22 1.75 3.99 -5.29
CA GLY A 22 0.60 3.36 -5.91
C GLY A 22 -0.70 3.77 -5.25
N THR A 23 -1.81 3.39 -5.89
CA THR A 23 -3.13 3.65 -5.35
C THR A 23 -4.11 2.49 -5.60
N ASN A 24 -5.16 2.42 -4.76
CA ASN A 24 -6.36 1.58 -4.93
C ASN A 24 -7.47 2.34 -5.68
N GLN A 25 -7.34 3.68 -5.72
CA GLN A 25 -8.34 4.55 -6.30
C GLN A 25 -7.62 5.57 -7.16
N ASP A 26 -8.04 5.67 -8.41
CA ASP A 26 -7.46 6.67 -9.30
C ASP A 26 -7.68 8.13 -8.87
N PHE A 27 -6.66 8.94 -9.13
CA PHE A 27 -6.64 10.35 -8.85
C PHE A 27 -6.94 11.16 -10.08
N SER A 28 -7.73 12.22 -9.91
CA SER A 28 -8.05 13.11 -11.03
C SER A 28 -6.77 13.71 -11.62
N ASN A 29 -5.81 14.09 -10.77
CA ASN A 29 -4.53 14.63 -11.27
C ASN A 29 -3.29 14.35 -10.40
N ALA A 30 -2.94 13.08 -10.25
CA ALA A 30 -1.77 12.71 -9.48
C ALA A 30 -1.10 11.50 -10.10
N LYS A 31 0.22 11.63 -10.28
CA LYS A 31 1.10 10.59 -10.80
C LYS A 31 1.23 9.36 -9.89
N VAL A 32 0.79 8.20 -10.39
CA VAL A 32 1.04 6.95 -9.66
C VAL A 32 1.86 5.94 -10.44
N THR A 33 2.46 4.99 -9.72
CA THR A 33 3.35 4.01 -10.32
C THR A 33 2.88 2.57 -10.08
N ALA A 34 1.76 2.41 -9.37
CA ALA A 34 1.21 1.08 -9.02
C ALA A 34 -0.27 1.22 -8.74
N ARG A 35 -1.03 0.20 -9.11
CA ARG A 35 -2.47 0.17 -8.83
C ARG A 35 -2.91 -1.20 -8.33
N ARG A 36 -3.81 -1.20 -7.35
CA ARG A 36 -4.39 -2.44 -6.80
C ARG A 36 -5.90 -2.54 -7.06
N ILE A 37 -6.37 -3.73 -7.43
CA ILE A 37 -7.81 -4.05 -7.29
C ILE A 37 -7.93 -5.07 -6.18
N GLY A 38 -8.55 -4.66 -5.07
CA GLY A 38 -8.57 -5.44 -3.83
C GLY A 38 -9.52 -4.89 -2.79
N GLY A 39 -9.35 -5.31 -1.54
CA GLY A 39 -10.21 -4.82 -0.46
C GLY A 39 -11.42 -5.74 -0.27
N ASN A 40 -12.39 -5.25 0.49
CA ASN A 40 -13.50 -6.07 0.93
C ASN A 40 -14.33 -6.69 -0.15
N ARG A 41 -14.45 -6.01 -1.30
CA ARG A 41 -15.27 -6.46 -2.42
C ARG A 41 -14.66 -7.59 -3.17
N SER A 42 -13.34 -7.79 -2.99
CA SER A 42 -12.58 -8.85 -3.66
C SER A 42 -13.00 -10.23 -3.20
N THR A 43 -13.34 -10.37 -1.92
CA THR A 43 -13.48 -11.73 -1.32
C THR A 43 -14.54 -12.56 -2.03
N GLY A 44 -15.67 -11.92 -2.33
CA GLY A 44 -16.77 -12.62 -2.97
C GLY A 44 -17.01 -12.24 -4.42
N TYR A 45 -16.01 -11.59 -5.04
CA TYR A 45 -16.00 -11.34 -6.49
C TYR A 45 -15.91 -12.63 -7.31
N ASN A 46 -16.87 -12.76 -8.22
CA ASN A 46 -17.02 -13.87 -9.11
C ASN A 46 -16.50 -13.49 -10.48
N TRP A 47 -15.40 -14.13 -10.94
CA TRP A 47 -14.72 -13.71 -12.17
C TRP A 47 -15.49 -14.09 -13.43
N GLU A 48 -16.30 -15.13 -13.29
CA GLU A 48 -17.15 -15.62 -14.39
C GLU A 48 -18.25 -14.65 -14.80
N ASN A 49 -18.84 -13.92 -13.86
CA ASN A 49 -19.94 -13.02 -14.21
C ASN A 49 -19.81 -11.60 -13.68
N ASN A 50 -18.76 -11.35 -12.89
CA ASN A 50 -18.43 -10.04 -12.32
C ASN A 50 -19.30 -9.58 -11.14
N ASP A 51 -20.21 -10.45 -10.70
CA ASP A 51 -20.97 -10.23 -9.47
C ASP A 51 -20.07 -10.20 -8.25
N SER A 52 -20.49 -9.43 -7.26
CA SER A 52 -19.75 -9.39 -6.00
C SER A 52 -20.72 -9.05 -4.87
N ASN A 53 -20.24 -9.18 -3.64
CA ASN A 53 -21.04 -8.91 -2.47
C ASN A 53 -20.31 -7.94 -1.52
N ALA A 54 -21.05 -6.90 -1.09
CA ALA A 54 -20.51 -5.86 -0.21
C ALA A 54 -20.15 -6.36 1.19
N GLY A 55 -20.71 -7.50 1.59
CA GLY A 55 -20.56 -7.95 2.97
C GLY A 55 -21.17 -6.90 3.89
N THR A 56 -20.67 -6.84 5.12
CA THR A 56 -21.29 -5.96 6.09
C THR A 56 -21.03 -4.45 5.87
N ASP A 57 -20.15 -4.09 4.93
CA ASP A 57 -20.01 -2.66 4.52
C ASP A 57 -21.30 -2.12 3.89
N TRP A 58 -22.08 -2.99 3.27
CA TRP A 58 -23.30 -2.54 2.59
C TRP A 58 -24.32 -3.65 2.46
N LYS A 59 -24.90 -4.03 3.61
CA LYS A 59 -26.14 -4.81 3.68
C LYS A 59 -26.08 -6.19 3.04
N ASN A 60 -24.87 -6.75 3.00
CA ASN A 60 -24.63 -8.06 2.39
C ASN A 60 -25.22 -8.05 1.00
N GLU A 61 -25.04 -6.94 0.29
CA GLU A 61 -25.65 -6.77 -1.03
C GLU A 61 -24.85 -7.40 -2.18
N SER A 62 -25.54 -8.24 -2.95
CA SER A 62 -25.00 -8.84 -4.15
C SER A 62 -25.46 -8.02 -5.35
N ASP A 63 -24.50 -7.57 -6.14
CA ASP A 63 -24.79 -6.56 -7.13
C ASP A 63 -23.68 -6.40 -8.17
N ASN A 64 -23.87 -5.40 -9.04
CA ASN A 64 -22.94 -5.14 -10.13
C ASN A 64 -21.94 -4.03 -9.76
N TYR A 65 -21.70 -3.83 -8.48
CA TYR A 65 -20.88 -2.70 -8.00
C TYR A 65 -19.51 -2.61 -8.69
N TRP A 66 -18.81 -3.73 -8.78
CA TRP A 66 -17.49 -3.70 -9.40
C TRP A 66 -17.54 -3.42 -10.94
N LEU A 67 -18.57 -3.91 -11.62
CA LEU A 67 -18.82 -3.52 -13.02
C LEU A 67 -18.93 -2.00 -13.23
N THR A 68 -19.66 -1.31 -12.34
CA THR A 68 -19.81 0.14 -12.46
C THR A 68 -18.56 0.91 -12.02
N LEU A 69 -17.99 0.55 -10.88
CA LEU A 69 -16.77 1.16 -10.36
C LEU A 69 -15.61 1.14 -11.36
N TYR A 70 -15.47 0.06 -12.08
CA TYR A 70 -14.35 -0.08 -13.03
C TYR A 70 -14.74 0.26 -14.47
N ASP A 71 -15.95 0.80 -14.64
CA ASP A 71 -16.35 1.43 -15.91
C ASP A 71 -16.36 0.42 -17.07
N VAL A 72 -16.79 -0.79 -16.75
CA VAL A 72 -16.96 -1.87 -17.71
C VAL A 72 -18.17 -1.50 -18.58
N PRO A 73 -18.02 -1.52 -19.92
CA PRO A 73 -19.20 -1.23 -20.76
C PRO A 73 -20.25 -2.35 -20.69
N LYS A 74 -21.51 -2.00 -20.89
CA LYS A 74 -22.59 -2.98 -20.66
C LYS A 74 -22.43 -4.26 -21.48
N GLU A 75 -21.77 -4.17 -22.62
CA GLU A 75 -21.62 -5.34 -23.48
C GLU A 75 -20.47 -6.26 -23.05
N LYS A 76 -19.68 -5.81 -22.07
CA LYS A 76 -18.74 -6.71 -21.39
C LYS A 76 -19.18 -7.15 -19.99
N TYR A 77 -20.41 -6.81 -19.57
CA TYR A 77 -20.91 -7.18 -18.21
C TYR A 77 -20.78 -8.68 -17.94
N ASN A 78 -20.93 -9.49 -18.98
CA ASN A 78 -20.90 -10.95 -18.89
C ASN A 78 -19.64 -11.59 -19.45
N GLU A 79 -18.72 -10.77 -19.92
CA GLU A 79 -17.37 -11.20 -20.28
C GLU A 79 -16.56 -11.57 -19.01
N PRO A 80 -15.97 -12.79 -18.98
CA PRO A 80 -15.15 -13.15 -17.80
C PRO A 80 -14.06 -12.12 -17.47
N ALA A 81 -13.94 -11.81 -16.17
CA ALA A 81 -12.91 -10.93 -15.65
C ALA A 81 -12.90 -9.54 -16.26
N SER A 82 -14.01 -9.15 -16.88
CA SER A 82 -14.11 -7.83 -17.50
C SER A 82 -13.77 -6.67 -16.54
N VAL A 83 -14.06 -6.85 -15.25
CA VAL A 83 -13.69 -5.88 -14.24
C VAL A 83 -12.15 -5.75 -14.15
N TYR A 84 -11.47 -6.90 -14.08
CA TYR A 84 -9.99 -6.97 -13.99
C TYR A 84 -9.30 -6.57 -15.30
N THR A 85 -9.88 -6.94 -16.45
CA THR A 85 -9.30 -6.49 -17.70
C THR A 85 -9.52 -4.98 -17.94
N ALA A 86 -10.66 -4.42 -17.54
CA ALA A 86 -10.82 -2.96 -17.60
C ALA A 86 -9.74 -2.30 -16.71
N PHE A 87 -9.62 -2.80 -15.47
CA PHE A 87 -8.59 -2.36 -14.54
C PHE A 87 -7.16 -2.42 -15.10
N HIS A 88 -6.70 -3.60 -15.51
CA HIS A 88 -5.31 -3.70 -16.01
C HIS A 88 -5.09 -2.98 -17.34
N ASP A 89 -6.11 -2.92 -18.18
CA ASP A 89 -6.05 -2.12 -19.41
C ASP A 89 -5.78 -0.65 -19.12
N LYS A 90 -6.41 -0.12 -18.07
CA LYS A 90 -6.21 1.26 -17.65
C LYS A 90 -4.81 1.45 -17.09
N SER A 91 -4.33 0.50 -16.28
CA SER A 91 -2.93 0.52 -15.83
C SER A 91 -1.99 0.68 -17.01
N LEU A 92 -2.19 -0.14 -18.05
CA LEU A 92 -1.34 -0.09 -19.26
C LEU A 92 -1.45 1.23 -20.07
N ALA A 93 -2.68 1.73 -20.22
CA ALA A 93 -2.93 3.00 -20.86
C ALA A 93 -2.27 4.14 -20.10
N MET A 94 -2.18 4.04 -18.77
CA MET A 94 -1.64 5.12 -17.95
C MET A 94 -0.12 5.03 -17.90
N GLY A 95 0.45 3.96 -18.42
CA GLY A 95 1.89 3.72 -18.24
C GLY A 95 2.27 3.24 -16.83
N VAL A 96 1.30 2.70 -16.08
CA VAL A 96 1.55 2.21 -14.72
C VAL A 96 2.16 0.81 -14.77
N PRO A 97 3.43 0.68 -14.30
CA PRO A 97 4.24 -0.55 -14.41
C PRO A 97 3.86 -1.73 -13.52
N TYR A 98 2.99 -1.53 -12.54
CA TYR A 98 2.61 -2.67 -11.68
C TYR A 98 1.12 -2.66 -11.35
N SER A 99 0.43 -3.74 -11.73
CA SER A 99 -0.95 -3.99 -11.27
C SER A 99 -0.92 -5.09 -10.21
N LEU A 100 -1.49 -4.82 -9.03
CA LEU A 100 -1.79 -5.85 -8.05
C LEU A 100 -3.29 -6.20 -8.15
N VAL A 101 -3.60 -7.46 -8.47
CA VAL A 101 -5.00 -7.92 -8.56
C VAL A 101 -5.28 -8.99 -7.50
N THR A 102 -6.53 -9.06 -7.02
CA THR A 102 -6.88 -9.99 -5.95
C THR A 102 -7.59 -11.27 -6.41
N LEU A 103 -7.13 -12.40 -5.87
CA LEU A 103 -7.78 -13.74 -6.02
C LEU A 103 -8.56 -14.11 -4.75
N GLN A 104 -9.50 -15.03 -4.90
CA GLN A 104 -10.50 -15.31 -3.85
C GLN A 104 -10.11 -16.56 -3.06
N ALA A 105 -10.25 -16.49 -1.74
CA ALA A 105 -9.90 -17.61 -0.86
C ALA A 105 -10.96 -17.78 0.25
N GLY A 106 -11.81 -16.77 0.42
CA GLY A 106 -12.83 -16.77 1.49
C GLY A 106 -13.65 -18.06 1.53
N GLY A 107 -14.06 -18.51 0.34
CA GLY A 107 -14.64 -19.83 0.12
C GLY A 107 -15.75 -19.83 -0.92
N TYR A 108 -16.43 -18.69 -1.10
CA TYR A 108 -17.62 -18.59 -1.97
C TYR A 108 -17.64 -17.21 -2.61
N VAL A 109 -18.29 -17.07 -3.77
CA VAL A 109 -18.37 -15.81 -4.51
C VAL A 109 -19.81 -15.64 -4.98
N ALA A 110 -20.25 -14.41 -5.22
CA ALA A 110 -21.67 -14.12 -5.52
C ALA A 110 -22.08 -14.83 -6.77
N ALA A 111 -23.22 -15.53 -6.67
CA ALA A 111 -23.82 -16.15 -7.84
C ALA A 111 -24.74 -15.16 -8.62
N ASP A 112 -25.21 -14.10 -7.99
CA ASP A 112 -26.19 -13.24 -8.68
C ASP A 112 -26.06 -11.76 -8.29
N GLN A 113 -27.05 -10.97 -8.70
CA GLN A 113 -27.14 -9.57 -8.33
C GLN A 113 -28.47 -9.31 -7.67
N SER A 114 -28.86 -10.18 -6.73
CA SER A 114 -30.20 -10.12 -6.14
C SER A 114 -30.34 -9.11 -5.02
N GLY A 115 -29.31 -8.32 -4.74
CA GLY A 115 -29.40 -7.24 -3.77
C GLY A 115 -29.07 -7.66 -2.33
N PRO A 116 -29.62 -6.96 -1.32
CA PRO A 116 -29.31 -7.32 0.08
C PRO A 116 -29.70 -8.76 0.37
N LEU A 117 -28.76 -9.55 0.91
CA LEU A 117 -29.02 -10.94 1.24
C LEU A 117 -29.49 -11.08 2.68
N ALA A 118 -30.29 -12.12 2.91
CA ALA A 118 -30.80 -12.46 4.23
C ALA A 118 -29.77 -13.32 4.94
N ASN A 119 -29.83 -13.33 6.26
CA ASN A 119 -28.97 -14.15 7.11
C ASN A 119 -29.14 -15.62 6.83
N THR A 120 -30.33 -15.96 6.32
CA THR A 120 -30.66 -17.26 5.83
C THR A 120 -29.90 -17.67 4.54
N ASP A 121 -29.28 -16.69 3.86
CA ASP A 121 -28.59 -16.95 2.60
C ASP A 121 -27.13 -17.37 2.77
N VAL A 122 -26.74 -17.57 4.03
CA VAL A 122 -25.39 -18.02 4.34
C VAL A 122 -24.97 -19.17 3.40
N ALA A 123 -23.73 -19.09 2.93
CA ALA A 123 -23.18 -20.12 2.05
C ALA A 123 -22.96 -21.44 2.80
N PRO A 124 -23.16 -22.60 2.13
CA PRO A 124 -23.60 -22.80 0.74
C PRO A 124 -25.11 -22.56 0.53
N SER A 125 -25.45 -21.95 -0.60
CA SER A 125 -26.84 -21.69 -1.00
C SER A 125 -26.85 -21.25 -2.46
N SER A 126 -28.04 -21.10 -3.06
CA SER A 126 -28.17 -20.73 -4.46
C SER A 126 -27.60 -19.34 -4.76
N LYS A 127 -27.28 -18.62 -3.70
CA LYS A 127 -26.75 -17.25 -3.77
C LYS A 127 -25.22 -17.20 -3.96
N TRP A 128 -24.58 -18.36 -3.85
CA TRP A 128 -23.14 -18.50 -3.81
C TRP A 128 -22.61 -19.60 -4.74
N LYS A 129 -21.50 -19.31 -5.40
CA LYS A 129 -20.70 -20.32 -6.08
C LYS A 129 -19.50 -20.66 -5.20
N LYS A 130 -19.17 -21.94 -5.14
CA LYS A 130 -17.98 -22.43 -4.43
C LYS A 130 -16.69 -22.06 -5.15
N VAL A 131 -15.72 -21.52 -4.42
CA VAL A 131 -14.35 -21.36 -4.89
C VAL A 131 -13.59 -22.67 -4.74
N GLU A 132 -12.92 -23.07 -5.81
CA GLU A 132 -11.87 -24.09 -5.75
C GLU A 132 -10.61 -23.50 -6.34
N PHE A 133 -9.45 -23.90 -5.82
CA PHE A 133 -8.17 -23.40 -6.34
C PHE A 133 -7.72 -24.01 -7.69
N ASN A 134 -7.96 -25.32 -7.83
CA ASN A 134 -7.53 -26.08 -8.99
C ASN A 134 -8.69 -26.77 -9.69
N LYS A 135 -8.76 -26.64 -10.99
CA LYS A 135 -9.88 -27.19 -11.78
C LYS A 135 -9.72 -28.68 -11.97
N ASN A 136 -8.48 -29.14 -12.08
CA ASN A 136 -8.20 -30.57 -12.29
C ASN A 136 -8.83 -31.18 -13.56
N GLY A 137 -9.41 -30.31 -14.40
CA GLY A 137 -9.68 -30.58 -15.80
C GLY A 137 -9.11 -29.44 -16.64
N PRO A 138 -9.20 -29.55 -17.98
CA PRO A 138 -8.70 -28.48 -18.85
C PRO A 138 -9.36 -27.12 -18.61
N LEU A 139 -8.52 -26.10 -18.70
CA LEU A 139 -8.88 -24.70 -18.49
C LEU A 139 -9.58 -24.19 -19.74
N SER A 140 -10.48 -23.23 -19.57
CA SER A 140 -11.22 -22.62 -20.67
C SER A 140 -11.19 -21.11 -20.50
N LEU A 141 -11.14 -20.38 -21.63
CA LEU A 141 -11.28 -18.92 -21.63
C LEU A 141 -12.73 -18.49 -21.57
N THR A 142 -13.63 -19.46 -21.68
CA THR A 142 -15.06 -19.28 -21.51
C THR A 142 -15.57 -20.21 -20.38
N PRO A 143 -15.32 -19.82 -19.11
CA PRO A 143 -15.71 -20.68 -18.02
C PRO A 143 -17.23 -20.87 -17.96
N ASP A 144 -17.65 -22.00 -17.42
CA ASP A 144 -19.07 -22.36 -17.27
C ASP A 144 -19.72 -21.61 -16.10
N THR A 145 -20.65 -20.74 -16.44
CA THR A 145 -21.34 -19.92 -15.44
C THR A 145 -22.57 -20.64 -14.86
N THR A 146 -22.83 -21.84 -15.37
CA THR A 146 -24.05 -22.57 -15.04
C THR A 146 -23.84 -23.62 -13.92
N ASP A 147 -22.60 -23.99 -13.63
CA ASP A 147 -22.34 -24.96 -12.55
C ASP A 147 -22.16 -24.21 -11.19
N GLY A 148 -21.78 -24.94 -10.13
CA GLY A 148 -21.80 -24.38 -8.79
C GLY A 148 -20.45 -23.88 -8.24
N SER A 149 -19.46 -23.80 -9.13
CA SER A 149 -18.08 -23.58 -8.75
C SER A 149 -17.39 -22.57 -9.62
N VAL A 150 -16.34 -21.98 -9.09
CA VAL A 150 -15.49 -21.02 -9.80
C VAL A 150 -14.05 -21.46 -9.46
N TYR A 151 -13.15 -21.42 -10.44
CA TYR A 151 -11.77 -21.96 -10.32
C TYR A 151 -10.71 -20.85 -10.44
N MET A 152 -9.87 -20.72 -9.42
CA MET A 152 -8.82 -19.71 -9.41
C MET A 152 -7.72 -19.92 -10.46
N ASP A 153 -7.36 -21.16 -10.75
CA ASP A 153 -6.34 -21.38 -11.79
C ASP A 153 -6.85 -20.96 -13.16
N GLU A 154 -8.12 -21.24 -13.41
CA GLU A 154 -8.75 -20.90 -14.67
C GLU A 154 -8.79 -19.37 -14.86
N PHE A 155 -9.00 -18.66 -13.75
CA PHE A 155 -9.04 -17.19 -13.68
C PHE A 155 -7.69 -16.57 -14.03
N VAL A 156 -6.61 -17.04 -13.39
CA VAL A 156 -5.29 -16.47 -13.60
C VAL A 156 -4.91 -16.77 -15.05
N ASN A 157 -5.18 -18.01 -15.46
CA ASN A 157 -4.91 -18.45 -16.83
C ASN A 157 -5.56 -17.53 -17.88
N TYR A 158 -6.79 -17.08 -17.63
CA TYR A 158 -7.48 -16.14 -18.51
C TYR A 158 -6.71 -14.82 -18.61
N LEU A 159 -6.19 -14.37 -17.47
CA LEU A 159 -5.50 -13.09 -17.40
C LEU A 159 -4.15 -13.16 -18.11
N VAL A 160 -3.42 -14.25 -17.91
CA VAL A 160 -2.12 -14.46 -18.53
C VAL A 160 -2.29 -14.67 -20.04
N ASN A 161 -3.37 -15.36 -20.41
CA ASN A 161 -3.68 -15.52 -21.83
C ASN A 161 -3.83 -14.16 -22.52
N LYS A 162 -4.48 -13.23 -21.84
CA LYS A 162 -4.67 -11.87 -22.37
C LYS A 162 -3.38 -11.05 -22.37
N TYR A 163 -2.68 -11.05 -21.25
CA TYR A 163 -1.60 -10.09 -21.02
C TYR A 163 -0.19 -10.69 -21.12
N GLY A 164 -0.10 -12.01 -21.03
CA GLY A 164 1.16 -12.71 -20.86
C GLY A 164 1.67 -12.72 -19.43
N SER A 165 2.82 -13.35 -19.26
CA SER A 165 3.42 -13.44 -17.97
C SER A 165 3.84 -12.06 -17.43
N ALA A 166 3.91 -11.95 -16.10
CA ALA A 166 4.51 -10.83 -15.38
C ALA A 166 5.93 -10.47 -15.81
N SER A 167 6.68 -11.43 -16.35
CA SER A 167 8.01 -11.18 -16.87
C SER A 167 8.03 -10.26 -18.09
N GLY A 168 6.89 -10.08 -18.76
CA GLY A 168 6.85 -9.22 -19.97
C GLY A 168 6.26 -7.86 -19.74
N SER A 169 6.30 -7.00 -20.76
CA SER A 169 5.84 -5.59 -20.63
C SER A 169 4.36 -5.39 -20.23
N LYS A 170 3.50 -6.35 -20.54
CA LYS A 170 2.06 -6.13 -20.34
C LYS A 170 1.43 -6.96 -19.21
N GLY A 171 2.20 -7.91 -18.68
CA GLY A 171 1.70 -8.90 -17.69
C GLY A 171 1.29 -8.23 -16.38
N ILE A 172 0.30 -8.79 -15.70
CA ILE A 172 -0.06 -8.38 -14.34
C ILE A 172 1.06 -8.90 -13.45
N LYS A 173 1.66 -8.02 -12.66
CA LYS A 173 2.83 -8.41 -11.91
C LYS A 173 2.54 -9.09 -10.58
N GLY A 174 1.46 -8.69 -9.89
CA GLY A 174 1.14 -9.16 -8.53
C GLY A 174 -0.26 -9.71 -8.32
N TYR A 175 -0.36 -10.72 -7.46
CA TYR A 175 -1.64 -11.32 -7.07
C TYR A 175 -1.80 -11.29 -5.57
N SER A 176 -2.92 -10.78 -5.11
CA SER A 176 -3.21 -10.75 -3.68
C SER A 176 -3.99 -12.02 -3.31
N LEU A 177 -3.58 -12.62 -2.19
CA LEU A 177 -4.24 -13.82 -1.64
C LEU A 177 -5.47 -13.36 -0.85
N ASP A 178 -6.56 -13.06 -1.58
CA ASP A 178 -7.79 -12.51 -1.00
C ASP A 178 -7.52 -11.20 -0.23
N ASN A 179 -8.22 -11.02 0.90
CA ASN A 179 -8.17 -9.75 1.61
C ASN A 179 -8.60 -9.88 3.04
N GLU A 180 -7.83 -9.32 3.97
CA GLU A 180 -8.22 -9.30 5.40
C GLU A 180 -8.94 -10.55 5.93
N PRO A 181 -8.26 -11.70 5.87
CA PRO A 181 -8.82 -13.01 6.18
C PRO A 181 -9.34 -13.18 7.63
N SER A 182 -8.69 -12.57 8.62
CA SER A 182 -9.17 -12.65 10.00
C SER A 182 -10.47 -11.83 10.18
N LEU A 183 -10.79 -10.97 9.21
CA LEU A 183 -12.06 -10.27 9.23
C LEU A 183 -13.13 -10.95 8.38
N TRP A 184 -12.85 -12.10 7.79
CA TRP A 184 -13.87 -12.76 6.96
C TRP A 184 -15.21 -12.93 7.67
N PRO A 185 -15.21 -13.39 8.95
CA PRO A 185 -16.51 -13.59 9.65
C PRO A 185 -17.29 -12.31 9.96
N SER A 186 -16.63 -11.17 10.10
CA SER A 186 -17.35 -9.95 10.41
C SER A 186 -17.59 -9.07 9.20
N THR A 187 -16.69 -9.13 8.22
CA THR A 187 -16.89 -8.47 6.96
C THR A 187 -17.82 -9.30 6.03
N HIS A 188 -17.56 -10.61 6.00
CA HIS A 188 -18.28 -11.57 5.14
C HIS A 188 -18.91 -12.78 5.90
N PRO A 189 -19.83 -12.49 6.86
CA PRO A 189 -20.45 -13.58 7.65
C PRO A 189 -21.20 -14.57 6.78
N LEU A 190 -21.72 -14.09 5.65
CA LEU A 190 -22.49 -14.98 4.77
C LEU A 190 -21.61 -15.93 3.94
N ILE A 191 -20.35 -15.54 3.75
CA ILE A 191 -19.37 -16.40 3.07
C ILE A 191 -18.67 -17.30 4.07
N HIS A 192 -18.27 -16.71 5.21
CA HIS A 192 -17.36 -17.35 6.14
C HIS A 192 -17.77 -17.06 7.61
N PRO A 193 -18.92 -17.62 8.08
CA PRO A 193 -19.46 -17.38 9.42
C PRO A 193 -18.47 -17.57 10.58
N ASP A 194 -17.58 -18.54 10.46
CA ASP A 194 -16.67 -18.91 11.53
C ASP A 194 -15.39 -18.07 11.56
N LYS A 195 -14.81 -17.94 12.74
CA LYS A 195 -13.48 -17.34 12.87
C LYS A 195 -12.46 -18.04 11.97
N THR A 196 -11.58 -17.28 11.35
CA THR A 196 -10.53 -17.84 10.51
C THR A 196 -9.38 -18.36 11.38
N LYS A 197 -8.99 -19.60 11.15
CA LYS A 197 -7.90 -20.17 11.92
C LYS A 197 -6.56 -19.75 11.33
N CYS A 198 -5.55 -19.70 12.20
CA CYS A 198 -4.17 -19.49 11.78
C CYS A 198 -3.80 -20.57 10.79
N SER A 199 -4.14 -21.81 11.10
CA SER A 199 -3.84 -22.93 10.18
C SER A 199 -4.61 -22.81 8.84
N GLU A 200 -5.85 -22.32 8.90
CA GLU A 200 -6.66 -22.10 7.71
C GLU A 200 -6.04 -21.05 6.78
N VAL A 201 -5.70 -19.87 7.32
CA VAL A 201 -5.07 -18.82 6.51
C VAL A 201 -3.75 -19.27 5.84
N LEU A 202 -2.90 -19.93 6.63
CA LEU A 202 -1.65 -20.49 6.15
C LEU A 202 -1.90 -21.43 4.95
N ASP A 203 -2.84 -22.35 5.13
CA ASP A 203 -3.16 -23.37 4.14
C ASP A 203 -3.74 -22.77 2.86
N LYS A 204 -4.70 -21.87 3.01
CA LYS A 204 -5.32 -21.20 1.86
C LYS A 204 -4.34 -20.29 1.14
N ASP A 205 -3.57 -19.50 1.88
CA ASP A 205 -2.50 -18.72 1.29
C ASP A 205 -1.52 -19.60 0.55
N THR A 206 -1.22 -20.76 1.11
CA THR A 206 -0.20 -21.61 0.50
C THR A 206 -0.69 -22.21 -0.82
N GLN A 207 -1.90 -22.76 -0.80
CA GLN A 207 -2.50 -23.38 -1.96
C GLN A 207 -2.82 -22.36 -3.05
N LEU A 208 -3.33 -21.19 -2.66
CA LEU A 208 -3.57 -20.12 -3.63
C LEU A 208 -2.26 -19.58 -4.21
N ALA A 209 -1.24 -19.40 -3.38
CA ALA A 209 0.06 -19.01 -3.94
C ALA A 209 0.62 -20.08 -4.90
N GLN A 210 0.38 -21.37 -4.63
CA GLN A 210 0.79 -22.41 -5.58
C GLN A 210 0.09 -22.35 -6.95
N VAL A 211 -1.19 -21.99 -6.96
CA VAL A 211 -1.91 -21.75 -8.22
C VAL A 211 -1.26 -20.62 -9.06
N VAL A 212 -0.95 -19.50 -8.41
CA VAL A 212 -0.33 -18.38 -9.08
C VAL A 212 0.99 -18.79 -9.75
N LYS A 213 1.83 -19.49 -8.99
CA LYS A 213 3.15 -19.91 -9.45
C LYS A 213 3.05 -20.90 -10.55
N LYS A 214 2.07 -21.80 -10.48
CA LYS A 214 1.85 -22.76 -11.54
C LYS A 214 1.53 -22.05 -12.87
N ILE A 215 0.58 -21.14 -12.85
CA ILE A 215 0.14 -20.45 -14.07
C ILE A 215 1.11 -19.35 -14.50
N ASP A 216 1.65 -18.62 -13.55
CA ASP A 216 2.62 -17.59 -13.92
C ASP A 216 3.77 -17.59 -12.93
N PRO A 217 4.82 -18.42 -13.23
CA PRO A 217 5.97 -18.57 -12.33
C PRO A 217 6.64 -17.24 -11.95
N ALA A 218 6.48 -16.22 -12.78
CA ALA A 218 7.16 -14.92 -12.63
C ALA A 218 6.29 -13.91 -11.85
N ALA A 219 5.03 -14.25 -11.62
CA ALA A 219 4.14 -13.35 -10.88
C ALA A 219 4.40 -13.44 -9.38
N GLU A 220 4.16 -12.33 -8.70
CA GLU A 220 4.45 -12.19 -7.27
C GLU A 220 3.18 -12.32 -6.42
N THR A 221 3.36 -12.91 -5.23
CA THR A 221 2.22 -13.17 -4.33
C THR A 221 2.33 -12.30 -3.11
N PHE A 222 1.16 -11.80 -2.69
CA PHE A 222 1.03 -10.83 -1.60
C PHE A 222 0.10 -11.49 -0.62
N GLY A 223 0.58 -11.64 0.63
CA GLY A 223 -0.20 -12.23 1.72
C GLY A 223 0.35 -11.86 3.09
N PRO A 224 -0.47 -12.01 4.16
CA PRO A 224 -1.86 -12.45 4.05
C PRO A 224 -2.86 -11.33 3.80
N ALA A 225 -2.40 -10.09 3.63
CA ALA A 225 -3.25 -8.87 3.57
C ALA A 225 -4.01 -8.66 4.87
N LEU A 226 -3.25 -8.57 5.95
CA LEU A 226 -3.77 -8.40 7.29
C LEU A 226 -4.30 -6.99 7.51
N PHE A 227 -5.45 -6.89 8.15
CA PHE A 227 -6.18 -5.61 8.29
C PHE A 227 -5.50 -4.55 9.16
N GLY A 228 -4.60 -4.98 10.06
CA GLY A 228 -4.19 -4.09 11.16
C GLY A 228 -3.51 -4.81 12.30
N PHE A 229 -3.06 -4.06 13.32
CA PHE A 229 -2.11 -4.62 14.27
C PHE A 229 -2.66 -5.84 14.99
N SER A 230 -3.96 -5.81 15.28
CA SER A 230 -4.62 -6.94 15.95
C SER A 230 -4.45 -8.28 15.21
N ALA A 231 -4.54 -8.25 13.87
CA ALA A 231 -4.22 -9.42 13.03
C ALA A 231 -2.75 -9.76 12.98
N PHE A 232 -1.89 -8.75 13.02
CA PHE A 232 -0.42 -8.97 13.05
C PHE A 232 -0.06 -9.73 14.31
N ASN A 233 -0.84 -9.49 15.36
CA ASN A 233 -0.46 -9.82 16.73
C ASN A 233 -0.85 -11.29 16.99
N ASP A 234 -2.15 -11.55 17.04
CA ASP A 234 -2.65 -12.88 17.33
C ASP A 234 -3.73 -13.32 16.34
N PHE A 235 -3.59 -12.82 15.11
CA PHE A 235 -4.57 -13.07 14.02
C PHE A 235 -6.01 -12.79 14.46
N ASN A 236 -6.17 -11.63 15.13
CA ASN A 236 -7.46 -11.12 15.61
C ASN A 236 -8.15 -12.13 16.59
N SER A 237 -7.43 -12.46 17.66
CA SER A 237 -7.84 -13.47 18.63
C SER A 237 -8.34 -14.77 17.97
N SER A 238 -7.49 -15.30 17.10
CA SER A 238 -7.79 -16.54 16.41
C SER A 238 -7.95 -17.67 17.43
N PRO A 239 -9.01 -18.51 17.29
CA PRO A 239 -9.23 -19.60 18.24
C PRO A 239 -8.05 -20.58 18.35
N ASP A 240 -7.28 -20.78 17.28
CA ASP A 240 -6.14 -21.70 17.34
C ASP A 240 -4.79 -21.02 17.66
N TRP A 241 -4.77 -19.71 17.87
CA TRP A 241 -3.50 -19.00 18.08
C TRP A 241 -2.69 -19.53 19.27
N SER A 242 -3.35 -19.72 20.42
CA SER A 242 -2.70 -20.28 21.61
C SER A 242 -1.93 -21.57 21.37
N SER A 243 -2.56 -22.49 20.64
CA SER A 243 -1.92 -23.76 20.32
C SER A 243 -0.83 -23.74 19.23
N VAL A 244 -0.74 -22.68 18.44
CA VAL A 244 0.28 -22.64 17.40
C VAL A 244 1.35 -21.58 17.73
N LYS A 245 1.12 -20.80 18.77
CA LYS A 245 2.00 -19.71 19.14
C LYS A 245 3.39 -20.23 19.48
N GLY A 246 3.51 -21.23 20.35
CA GLY A 246 4.83 -21.64 20.82
C GLY A 246 5.64 -20.44 21.28
N ASN A 247 6.86 -20.33 20.77
CA ASN A 247 7.75 -19.21 21.06
C ASN A 247 7.55 -17.91 20.25
N TYR A 248 6.68 -17.94 19.23
CA TYR A 248 6.45 -16.79 18.35
C TYR A 248 5.95 -15.57 19.12
N GLN A 249 6.64 -14.44 18.95
CA GLN A 249 6.17 -13.16 19.47
C GLN A 249 4.78 -12.80 18.94
N TRP A 250 4.55 -13.05 17.66
CA TRP A 250 3.27 -12.66 17.05
C TRP A 250 2.95 -13.48 15.82
N PHE A 251 1.75 -13.28 15.27
CA PHE A 251 1.28 -14.08 14.15
C PHE A 251 2.16 -13.89 12.92
N ILE A 252 2.72 -12.71 12.72
CA ILE A 252 3.65 -12.44 11.61
C ILE A 252 4.83 -13.43 11.51
N ASP A 253 5.44 -13.75 12.66
CA ASP A 253 6.50 -14.78 12.77
C ASP A 253 5.99 -16.19 12.40
N TYR A 254 4.87 -16.59 12.96
CA TYR A 254 4.22 -17.83 12.62
C TYR A 254 4.01 -17.90 11.12
N TYR A 255 3.46 -16.82 10.56
CA TYR A 255 3.09 -16.80 9.16
C TYR A 255 4.33 -16.88 8.26
N LEU A 256 5.35 -16.06 8.55
CA LEU A 256 6.62 -16.05 7.77
C LEU A 256 7.37 -17.35 7.84
N ASP A 257 7.52 -17.86 9.06
CA ASP A 257 8.19 -19.12 9.29
C ASP A 257 7.51 -20.25 8.49
N ASN A 258 6.18 -20.30 8.55
CA ASN A 258 5.47 -21.40 7.90
C ASN A 258 5.41 -21.29 6.37
N MET A 259 5.36 -20.06 5.86
CA MET A 259 5.42 -19.84 4.42
C MET A 259 6.82 -20.19 3.90
N LYS A 260 7.83 -19.91 4.71
CA LYS A 260 9.17 -20.31 4.40
C LYS A 260 9.25 -21.84 4.33
N LYS A 261 8.79 -22.51 5.41
CA LYS A 261 8.76 -23.99 5.47
C LYS A 261 7.96 -24.59 4.29
N ASN A 262 6.79 -24.00 4.00
CA ASN A 262 5.94 -24.40 2.88
C ASN A 262 6.59 -24.14 1.52
N SER A 263 7.26 -23.01 1.39
CA SER A 263 8.02 -22.71 0.18
C SER A 263 9.19 -23.67 -0.01
N ASP A 264 9.97 -23.93 1.04
CA ASP A 264 11.05 -24.93 0.93
C ASP A 264 10.55 -26.31 0.52
N ALA A 265 9.40 -26.72 1.06
CA ALA A 265 8.77 -27.99 0.74
C ALA A 265 8.31 -28.06 -0.73
N ALA A 266 7.80 -26.94 -1.26
CA ALA A 266 7.30 -26.86 -2.63
C ALA A 266 8.42 -26.64 -3.66
N GLY A 267 9.61 -26.28 -3.17
CA GLY A 267 10.77 -26.06 -3.99
C GLY A 267 10.83 -24.72 -4.66
N LYS A 268 10.03 -23.74 -4.20
CA LYS A 268 10.05 -22.39 -4.76
C LYS A 268 9.41 -21.40 -3.75
N ARG A 269 9.82 -20.14 -3.83
CA ARG A 269 9.19 -19.08 -3.07
C ARG A 269 7.67 -18.98 -3.35
N LEU A 270 6.87 -19.08 -2.31
CA LEU A 270 5.44 -19.02 -2.48
C LEU A 270 4.92 -17.71 -1.96
N LEU A 271 5.72 -17.00 -1.18
CA LEU A 271 5.36 -15.69 -0.70
C LEU A 271 6.40 -14.72 -1.17
N ASP A 272 6.01 -13.78 -2.02
CA ASP A 272 6.91 -12.70 -2.42
C ASP A 272 6.85 -11.49 -1.51
N ALA A 273 5.65 -11.07 -1.13
CA ALA A 273 5.48 -9.87 -0.34
C ALA A 273 4.58 -10.12 0.86
N LEU A 274 5.13 -9.90 2.06
CA LEU A 274 4.31 -9.85 3.26
C LEU A 274 3.42 -8.61 3.14
N ASP A 275 2.12 -8.83 3.00
CA ASP A 275 1.23 -7.72 2.70
C ASP A 275 0.36 -7.34 3.90
N LEU A 276 0.32 -6.05 4.18
CA LEU A 276 -0.22 -5.54 5.42
C LEU A 276 -1.07 -4.30 5.08
N HIS A 277 -2.09 -4.05 5.90
CA HIS A 277 -2.83 -2.82 5.88
C HIS A 277 -2.51 -2.02 7.13
N TRP A 278 -2.44 -0.71 7.00
CA TRP A 278 -2.06 0.15 8.10
C TRP A 278 -2.87 1.43 8.07
N TYR A 279 -3.95 1.42 8.84
CA TYR A 279 -4.71 2.61 9.08
C TYR A 279 -4.32 2.99 10.48
N PRO A 280 -3.58 4.10 10.63
CA PRO A 280 -3.04 4.49 11.94
C PRO A 280 -4.11 4.56 13.06
N GLU A 281 -3.77 4.02 14.21
CA GLU A 281 -4.58 4.10 15.42
C GLU A 281 -4.22 5.33 16.24
N ALA A 282 -3.12 5.98 15.86
CA ALA A 282 -2.65 7.23 16.47
C ALA A 282 -3.77 8.24 16.69
N LYS A 283 -3.83 8.80 17.89
CA LYS A 283 -4.85 9.79 18.21
C LYS A 283 -4.20 11.12 18.53
N GLY A 284 -4.95 12.19 18.26
CA GLY A 284 -4.68 13.50 18.86
C GLY A 284 -6.00 14.23 19.11
N GLY A 285 -6.03 15.08 20.14
CA GLY A 285 -7.24 15.80 20.52
C GLY A 285 -8.43 14.89 20.74
N GLY A 286 -8.14 13.70 21.27
CA GLY A 286 -9.16 12.67 21.50
C GLY A 286 -9.77 12.05 20.28
N GLN A 287 -9.10 12.14 19.12
CA GLN A 287 -9.60 11.57 17.86
C GLN A 287 -8.54 10.77 17.11
N ARG A 288 -8.96 9.66 16.51
CA ARG A 288 -8.11 8.88 15.62
C ARG A 288 -7.80 9.70 14.36
N VAL A 289 -6.53 9.68 13.94
CA VAL A 289 -6.04 10.62 12.89
C VAL A 289 -6.64 10.39 11.51
N THR A 290 -7.19 9.18 11.33
CA THR A 290 -7.90 8.78 10.11
C THR A 290 -9.17 9.60 9.86
N THR A 291 -9.59 10.41 10.84
CA THR A 291 -10.76 11.28 10.65
C THR A 291 -10.62 12.29 9.51
N SER A 292 -11.76 12.67 8.94
CA SER A 292 -11.86 13.74 7.94
C SER A 292 -11.99 15.14 8.56
N ASP A 293 -12.22 15.19 9.88
CA ASP A 293 -12.36 16.44 10.61
C ASP A 293 -11.02 17.15 10.89
N THR A 294 -10.74 18.19 10.12
CA THR A 294 -9.46 18.90 10.25
C THR A 294 -9.57 20.23 11.09
N SER A 295 -10.71 20.45 11.76
CA SER A 295 -10.81 21.59 12.69
C SER A 295 -10.02 21.31 14.00
N ASN A 296 -9.77 20.02 14.27
CA ASN A 296 -9.09 19.57 15.49
C ASN A 296 -7.59 19.63 15.28
N VAL A 297 -6.96 20.65 15.86
CA VAL A 297 -5.54 20.95 15.63
C VAL A 297 -4.58 19.91 16.22
N ASP A 298 -4.87 19.45 17.43
CA ASP A 298 -4.06 18.38 18.04
C ASP A 298 -4.18 17.07 17.28
N CYS A 299 -5.35 16.84 16.69
CA CYS A 299 -5.51 15.72 15.79
C CYS A 299 -4.67 15.95 14.52
N ASN A 300 -4.74 17.15 13.92
CA ASN A 300 -3.90 17.49 12.76
C ASN A 300 -2.41 17.27 13.03
N LYS A 301 -1.99 17.64 14.24
CA LYS A 301 -0.57 17.51 14.66
C LYS A 301 -0.14 16.06 14.80
N ALA A 302 -0.95 15.27 15.52
CA ALA A 302 -0.73 13.85 15.64
C ALA A 302 -0.65 13.17 14.28
N ARG A 303 -1.43 13.68 13.31
CA ARG A 303 -1.49 13.11 11.96
C ARG A 303 -0.13 13.15 11.28
N MET A 304 0.50 14.32 11.28
CA MET A 304 1.83 14.52 10.68
C MET A 304 2.94 13.80 11.42
N GLN A 305 2.77 13.58 12.72
CA GLN A 305 3.72 12.77 13.50
C GLN A 305 3.52 11.27 13.33
N ALA A 306 2.31 10.86 12.96
CA ALA A 306 1.92 9.45 12.97
C ALA A 306 2.82 8.55 12.11
N PRO A 307 3.25 9.02 10.91
CA PRO A 307 4.18 8.18 10.15
C PRO A 307 5.47 7.80 10.91
N ARG A 308 5.82 8.55 11.98
CA ARG A 308 6.96 8.18 12.80
C ARG A 308 6.80 6.77 13.45
N SER A 309 5.56 6.33 13.71
CA SER A 309 5.36 4.97 14.28
C SER A 309 5.80 3.84 13.34
N LEU A 310 6.01 4.17 12.07
CA LEU A 310 6.52 3.18 11.13
C LEU A 310 8.04 2.93 11.28
N TRP A 311 8.80 3.90 11.78
CA TRP A 311 10.28 3.81 11.69
C TRP A 311 11.10 4.26 12.94
N ASP A 312 10.52 5.09 13.80
CA ASP A 312 11.22 5.88 14.84
C ASP A 312 11.02 5.29 16.26
N SER A 313 12.07 4.72 16.83
CA SER A 313 12.00 4.06 18.13
C SER A 313 11.84 5.04 19.29
N THR A 314 12.05 6.33 19.02
CA THR A 314 11.92 7.37 20.01
C THR A 314 10.52 7.98 20.07
N TYR A 315 9.65 7.55 19.17
CA TYR A 315 8.34 8.18 19.10
C TYR A 315 7.31 7.29 19.72
N THR A 316 6.49 7.86 20.60
CA THR A 316 5.33 7.17 21.22
C THR A 316 4.01 7.80 20.76
N GLU A 317 3.15 6.96 20.18
CA GLU A 317 1.89 7.47 19.66
C GLU A 317 0.83 7.20 20.70
N ASP A 318 -0.23 8.01 20.69
CA ASP A 318 -1.40 7.81 21.52
C ASP A 318 -2.36 6.83 20.88
N SER A 319 -2.19 5.56 21.22
CA SER A 319 -3.10 4.52 20.74
C SER A 319 -3.02 3.29 21.68
N TRP A 320 -3.92 2.33 21.51
CA TRP A 320 -3.78 1.06 22.26
C TRP A 320 -2.52 0.28 21.87
N ILE A 321 -2.06 0.43 20.60
CA ILE A 321 -0.80 -0.16 20.18
C ILE A 321 0.34 0.49 20.98
N GLY A 322 0.38 1.83 20.94
CA GLY A 322 1.37 2.60 21.72
C GLY A 322 1.35 2.25 23.20
N GLN A 323 0.17 2.00 23.76
CA GLN A 323 0.05 1.65 25.18
C GLN A 323 0.36 0.19 25.52
N TRP A 324 -0.21 -0.74 24.77
CA TRP A 324 -0.18 -2.18 25.11
C TRP A 324 0.77 -3.09 24.31
N CYS A 325 1.17 -2.65 23.10
CA CYS A 325 2.04 -3.46 22.24
C CYS A 325 3.29 -2.69 21.77
N LYS A 326 3.94 -2.00 22.71
CA LYS A 326 5.16 -1.24 22.46
C LYS A 326 6.18 -2.09 21.78
N TRP A 327 6.16 -3.39 22.08
CA TRP A 327 7.10 -4.33 21.45
C TRP A 327 6.99 -4.38 19.91
N GLY A 328 5.82 -4.00 19.37
CA GLY A 328 5.55 -4.06 17.93
C GLY A 328 5.81 -2.78 17.14
N LEU A 329 6.33 -1.77 17.84
CA LEU A 329 6.62 -0.46 17.24
C LEU A 329 8.09 -0.07 17.52
N PRO A 330 8.77 0.59 16.57
CA PRO A 330 8.26 1.07 15.29
C PRO A 330 7.95 -0.08 14.33
N LEU A 331 6.89 0.06 13.53
CA LEU A 331 6.39 -1.06 12.73
C LEU A 331 7.35 -1.67 11.71
N ILE A 332 7.98 -0.84 10.87
CA ILE A 332 8.80 -1.42 9.80
C ILE A 332 10.06 -2.16 10.31
N PRO A 333 10.85 -1.56 11.24
CA PRO A 333 11.97 -2.33 11.83
C PRO A 333 11.56 -3.67 12.49
N LYS A 334 10.40 -3.70 13.13
CA LYS A 334 9.85 -4.92 13.74
C LYS A 334 9.50 -5.97 12.72
N VAL A 335 8.86 -5.54 11.64
CA VAL A 335 8.44 -6.45 10.62
C VAL A 335 9.68 -6.94 9.86
N LYS A 336 10.62 -6.03 9.62
CA LYS A 336 11.89 -6.32 8.97
C LYS A 336 12.74 -7.34 9.75
N SER A 337 12.83 -7.19 11.06
CA SER A 337 13.41 -8.21 11.93
C SER A 337 12.73 -9.59 11.83
N SER A 338 11.40 -9.60 11.85
CA SER A 338 10.67 -10.83 11.59
C SER A 338 11.02 -11.47 10.22
N ILE A 339 11.07 -10.67 9.16
CA ILE A 339 11.48 -11.16 7.81
C ILE A 339 12.92 -11.73 7.84
N ASP A 340 13.85 -10.96 8.39
CA ASP A 340 15.23 -11.40 8.48
C ASP A 340 15.42 -12.68 9.33
N LYS A 341 14.58 -12.88 10.36
CA LYS A 341 14.66 -14.06 11.23
C LYS A 341 13.86 -15.29 10.73
N TYR A 342 12.73 -15.05 10.06
CA TYR A 342 11.81 -16.12 9.67
C TYR A 342 11.71 -16.45 8.18
N TYR A 343 11.90 -15.44 7.32
CA TYR A 343 11.80 -15.64 5.86
C TYR A 343 12.62 -14.60 5.08
N PRO A 344 13.96 -14.65 5.21
CA PRO A 344 14.86 -13.68 4.56
C PRO A 344 14.54 -13.53 3.07
N GLY A 345 14.63 -12.31 2.54
CA GLY A 345 14.37 -12.11 1.10
C GLY A 345 12.92 -11.79 0.79
N THR A 346 12.03 -11.91 1.80
CA THR A 346 10.64 -11.53 1.60
C THR A 346 10.53 -10.01 1.59
N LYS A 347 9.70 -9.49 0.68
CA LYS A 347 9.47 -8.06 0.61
C LYS A 347 8.30 -7.60 1.48
N LEU A 348 8.21 -6.29 1.68
CA LEU A 348 7.20 -5.71 2.55
C LEU A 348 6.29 -4.85 1.70
N SER A 349 4.99 -5.08 1.85
CA SER A 349 3.97 -4.30 1.13
C SER A 349 2.95 -3.69 2.08
N PHE A 350 2.52 -2.46 1.78
CA PHE A 350 1.33 -1.85 2.42
C PHE A 350 0.26 -1.57 1.37
N SER A 351 -0.59 -2.55 1.13
CA SER A 351 -1.61 -2.45 0.08
C SER A 351 -2.84 -1.64 0.44
N GLU A 352 -3.02 -1.31 1.71
CA GLU A 352 -3.93 -0.25 2.12
C GLU A 352 -3.34 0.56 3.29
N TYR A 353 -3.54 1.87 3.24
CA TYR A 353 -3.14 2.80 4.30
C TYR A 353 -3.84 4.11 3.94
N ASN A 354 -4.01 4.98 4.92
CA ASN A 354 -4.60 6.30 4.73
C ASN A 354 -4.36 7.00 6.06
N TYR A 355 -3.89 8.26 5.98
CA TYR A 355 -3.55 9.09 7.14
C TYR A 355 -4.62 10.14 7.46
N GLY A 356 -5.72 10.16 6.70
CA GLY A 356 -6.84 11.06 6.96
C GLY A 356 -6.56 12.49 6.58
N GLY A 357 -7.52 13.39 6.86
CA GLY A 357 -7.41 14.82 6.49
C GLY A 357 -6.84 15.11 5.11
N GLU A 358 -7.42 14.42 4.12
CA GLU A 358 -6.92 14.27 2.76
C GLU A 358 -7.00 15.58 2.00
N ASP A 359 -7.89 16.47 2.44
CA ASP A 359 -8.08 17.74 1.79
C ASP A 359 -7.50 18.90 2.61
N HIS A 360 -6.49 18.59 3.43
CA HIS A 360 -5.86 19.51 4.39
C HIS A 360 -4.33 19.37 4.30
N ILE A 361 -3.58 20.44 4.57
CA ILE A 361 -2.11 20.40 4.52
C ILE A 361 -1.51 19.29 5.42
N SER A 362 -2.09 19.09 6.61
CA SER A 362 -1.66 17.99 7.52
C SER A 362 -1.84 16.60 6.90
N GLY A 363 -2.87 16.43 6.09
CA GLY A 363 -3.04 15.20 5.33
C GLY A 363 -2.05 15.04 4.19
N GLY A 364 -1.72 16.15 3.52
CA GLY A 364 -0.65 16.14 2.49
C GLY A 364 0.75 15.91 3.04
N ILE A 365 1.03 16.49 4.20
CA ILE A 365 2.35 16.37 4.79
C ILE A 365 2.52 14.94 5.28
N ALA A 366 1.47 14.40 5.90
CA ALA A 366 1.53 13.02 6.40
C ALA A 366 1.67 11.98 5.28
N GLN A 367 0.98 12.20 4.18
CA GLN A 367 1.09 11.40 2.96
C GLN A 367 2.48 11.53 2.31
N ALA A 368 3.00 12.77 2.22
CA ALA A 368 4.36 12.99 1.71
C ALA A 368 5.38 12.29 2.59
N ASP A 369 5.14 12.31 3.89
CA ASP A 369 6.06 11.70 4.84
C ASP A 369 6.01 10.19 4.72
N ALA A 370 4.80 9.62 4.63
CA ALA A 370 4.62 8.17 4.44
C ALA A 370 5.34 7.66 3.20
N LEU A 371 5.23 8.40 2.08
CA LEU A 371 5.94 8.06 0.82
C LEU A 371 7.46 8.09 0.97
N GLY A 372 7.98 9.10 1.68
CA GLY A 372 9.42 9.14 2.06
C GLY A 372 9.86 7.93 2.88
N VAL A 373 9.07 7.63 3.92
CA VAL A 373 9.29 6.45 4.78
C VAL A 373 9.37 5.12 4.03
N PHE A 374 8.36 4.86 3.19
CA PHE A 374 8.30 3.64 2.36
C PHE A 374 9.59 3.51 1.54
N GLY A 375 10.05 4.62 0.97
CA GLY A 375 11.24 4.63 0.15
C GLY A 375 12.53 4.51 0.94
N LYS A 376 12.59 5.13 2.10
CA LYS A 376 13.81 5.09 2.90
C LYS A 376 13.98 3.74 3.60
N TYR A 377 12.87 3.16 4.02
CA TYR A 377 12.93 1.90 4.76
C TYR A 377 12.60 0.62 4.03
N GLY A 378 12.83 0.56 2.72
CA GLY A 378 12.73 -0.74 2.03
C GLY A 378 11.32 -1.36 1.90
N VAL A 379 10.29 -0.52 1.80
CA VAL A 379 8.95 -0.99 1.34
C VAL A 379 8.98 -1.18 -0.18
N TYR A 380 8.51 -2.35 -0.64
CA TYR A 380 8.50 -2.69 -2.05
C TYR A 380 7.29 -2.13 -2.80
N PHE A 381 6.15 -2.05 -2.12
CA PHE A 381 4.87 -1.78 -2.75
C PHE A 381 3.97 -1.07 -1.74
N ALA A 382 3.26 -0.04 -2.17
CA ALA A 382 2.24 0.55 -1.32
C ALA A 382 1.15 1.16 -2.18
N THR A 383 -0.09 0.98 -1.76
CA THR A 383 -1.25 1.50 -2.42
C THR A 383 -2.17 2.18 -1.38
N TYR A 384 -2.31 3.49 -1.56
CA TYR A 384 -3.20 4.32 -0.78
C TYR A 384 -4.64 3.85 -1.01
N TRP A 385 -5.47 3.96 0.03
CA TRP A 385 -6.89 3.66 0.00
C TRP A 385 -7.67 4.95 0.37
N GLU A 386 -8.55 5.37 -0.54
CA GLU A 386 -9.38 6.56 -0.44
C GLU A 386 -10.44 6.43 0.64
N CYS A 387 -10.44 7.37 1.60
CA CYS A 387 -11.44 7.36 2.67
C CYS A 387 -12.35 8.60 2.79
N ASN A 388 -12.29 9.52 1.82
CA ASN A 388 -13.04 10.76 1.93
C ASN A 388 -13.75 11.20 0.65
N SER A 389 -14.40 10.27 -0.04
CA SER A 389 -15.13 10.54 -1.30
C SER A 389 -14.37 11.40 -2.31
N ASP A 390 -13.07 11.09 -2.46
CA ASP A 390 -12.17 11.78 -3.42
C ASP A 390 -11.93 13.26 -3.08
N LYS A 391 -12.24 13.66 -1.86
CA LYS A 391 -11.83 14.99 -1.40
C LYS A 391 -10.40 14.92 -0.89
N ASN A 392 -9.46 14.74 -1.83
CA ASN A 392 -8.10 14.30 -1.54
C ASN A 392 -7.02 15.14 -2.20
N ASN A 393 -7.30 16.42 -2.42
CA ASN A 393 -6.39 17.31 -3.15
C ASN A 393 -4.99 17.40 -2.56
N TYR A 394 -4.89 17.37 -1.24
CA TYR A 394 -3.55 17.36 -0.61
C TYR A 394 -2.84 16.00 -0.66
N VAL A 395 -3.59 14.90 -0.61
CA VAL A 395 -3.04 13.60 -0.92
C VAL A 395 -2.47 13.61 -2.35
N GLN A 396 -3.22 14.17 -3.30
CA GLN A 396 -2.71 14.21 -4.66
C GLN A 396 -1.44 15.06 -4.74
N SER A 397 -1.38 16.18 -4.00
CA SER A 397 -0.15 17.00 -3.97
C SER A 397 1.07 16.20 -3.53
N ALA A 398 0.91 15.36 -2.50
CA ALA A 398 2.00 14.55 -1.97
C ALA A 398 2.55 13.62 -3.05
N PHE A 399 1.65 12.92 -3.75
CA PHE A 399 2.06 12.06 -4.87
C PHE A 399 2.79 12.86 -5.95
N ASN A 400 2.21 14.00 -6.36
CA ASN A 400 2.85 14.88 -7.34
C ASN A 400 4.15 15.50 -6.86
N LEU A 401 4.27 15.71 -5.56
CA LEU A 401 5.51 16.25 -5.02
C LEU A 401 6.68 15.33 -5.32
N TYR A 402 6.44 14.02 -5.32
CA TYR A 402 7.47 13.08 -5.64
C TYR A 402 7.77 12.96 -7.14
N ASN A 403 6.73 12.77 -7.95
CA ASN A 403 6.87 12.32 -9.35
C ASN A 403 6.24 13.17 -10.44
N ASN A 404 5.67 14.29 -10.07
CA ASN A 404 5.25 15.25 -11.06
C ASN A 404 5.15 16.61 -10.43
N TYR A 405 6.24 17.05 -9.83
CA TYR A 405 6.25 18.31 -9.08
C TYR A 405 6.21 19.54 -9.99
N ASP A 406 6.77 19.40 -11.18
CA ASP A 406 6.86 20.53 -12.11
C ASP A 406 5.82 20.44 -13.23
N GLY A 407 4.91 19.47 -13.16
CA GLY A 407 3.90 19.28 -14.20
C GLY A 407 4.46 18.70 -15.48
N ASN A 408 5.74 18.33 -15.46
CA ASN A 408 6.41 17.73 -16.60
C ASN A 408 6.87 16.33 -16.30
N ASN A 409 6.25 15.72 -15.28
CA ASN A 409 6.60 14.38 -14.83
C ASN A 409 8.11 14.14 -14.59
N SER A 410 8.81 15.19 -14.16
CA SER A 410 10.11 15.05 -13.50
C SER A 410 9.86 14.32 -12.17
N LYS A 411 10.77 13.43 -11.82
CA LYS A 411 10.53 12.59 -10.67
C LYS A 411 11.66 12.55 -9.66
N TYR A 412 11.30 12.08 -8.48
CA TYR A 412 12.21 11.79 -7.38
C TYR A 412 13.28 10.77 -7.80
N GLY A 413 14.38 10.70 -7.07
CA GLY A 413 15.46 9.75 -7.37
C GLY A 413 15.10 8.31 -7.03
N ASP A 414 15.89 7.35 -7.50
CA ASP A 414 15.66 5.94 -7.31
C ASP A 414 16.54 5.36 -6.19
N THR A 415 17.41 6.20 -5.61
CA THR A 415 18.32 5.72 -4.56
C THR A 415 18.28 6.67 -3.38
N ASP A 416 17.76 6.19 -2.24
CA ASP A 416 17.73 6.98 -1.02
C ASP A 416 19.15 7.05 -0.46
N VAL A 417 19.52 8.22 0.07
CA VAL A 417 20.83 8.40 0.68
C VAL A 417 20.66 9.03 2.05
N LYS A 418 21.71 8.93 2.86
CA LYS A 418 21.78 9.55 4.17
C LYS A 418 21.32 11.01 4.17
N CYS A 419 20.31 11.29 4.98
CA CYS A 419 19.73 12.61 5.07
C CYS A 419 19.17 12.75 6.46
N ASP A 420 20.02 13.22 7.37
CA ASP A 420 19.68 13.30 8.80
C ASP A 420 19.36 14.72 9.17
N THR A 421 18.13 14.91 9.68
CA THR A 421 17.71 16.18 10.22
C THR A 421 17.97 16.19 11.73
N SER A 422 18.29 17.35 12.27
CA SER A 422 18.50 17.53 13.71
C SER A 422 17.17 17.70 14.45
N ASP A 423 16.07 17.79 13.71
CA ASP A 423 14.75 17.85 14.33
C ASP A 423 13.69 17.00 13.64
N ILE A 424 13.50 15.77 14.14
CA ILE A 424 12.50 14.86 13.61
C ILE A 424 11.06 15.16 14.04
N ASN A 425 10.90 15.98 15.08
CA ASN A 425 9.57 16.40 15.48
C ASN A 425 9.02 17.46 14.52
N ASN A 426 9.85 18.43 14.16
CA ASN A 426 9.37 19.56 13.39
C ASN A 426 9.60 19.45 11.92
N SER A 427 10.49 18.55 11.54
CA SER A 427 10.78 18.33 10.13
C SER A 427 10.83 16.86 9.74
N SER A 428 10.63 16.61 8.44
CA SER A 428 11.05 15.36 7.79
C SER A 428 11.91 15.71 6.59
N THR A 429 13.00 14.97 6.38
CA THR A 429 13.92 15.21 5.25
C THR A 429 14.33 13.88 4.61
N TYR A 430 14.21 13.81 3.29
CA TYR A 430 14.61 12.64 2.50
C TYR A 430 15.48 13.16 1.37
N ALA A 431 16.56 12.47 1.09
CA ALA A 431 17.40 12.79 -0.08
C ALA A 431 17.57 11.58 -0.95
N SER A 432 17.59 11.79 -2.26
CA SER A 432 17.82 10.69 -3.18
C SER A 432 18.75 11.08 -4.34
N VAL A 433 19.41 10.06 -4.88
CA VAL A 433 20.21 10.26 -6.08
C VAL A 433 19.54 9.40 -7.17
N THR A 434 19.88 9.64 -8.43
CA THR A 434 19.29 8.91 -9.56
C THR A 434 20.44 8.10 -10.18
N SER A 435 20.29 6.77 -10.19
CA SER A 435 21.39 5.85 -10.53
C SER A 435 22.02 6.04 -11.92
N ASN A 436 21.24 6.52 -12.88
CA ASN A 436 21.80 6.86 -14.18
C ASN A 436 21.86 8.36 -14.54
N ASP A 437 21.66 9.24 -13.56
CA ASP A 437 21.88 10.69 -13.79
C ASP A 437 22.55 11.38 -12.61
N GLY A 438 23.88 11.38 -12.60
CA GLY A 438 24.67 12.01 -11.54
C GLY A 438 24.58 13.52 -11.41
N ASN A 439 24.10 14.19 -12.46
CA ASN A 439 23.90 15.64 -12.44
C ASN A 439 23.01 16.14 -11.28
N LYS A 440 22.14 15.27 -10.74
CA LYS A 440 21.12 15.74 -9.80
C LYS A 440 20.85 15.00 -8.48
N MET A 441 20.49 15.77 -7.47
CA MET A 441 20.03 15.27 -6.21
C MET A 441 18.65 15.83 -5.88
N ASP A 442 17.78 14.98 -5.34
CA ASP A 442 16.40 15.35 -5.04
C ASP A 442 16.22 15.28 -3.56
N ILE A 443 15.60 16.31 -2.98
CA ILE A 443 15.42 16.38 -1.55
C ILE A 443 13.96 16.70 -1.27
N ILE A 444 13.34 15.92 -0.39
CA ILE A 444 12.03 16.27 0.18
C ILE A 444 12.24 16.85 1.56
N VAL A 445 11.68 18.03 1.77
CA VAL A 445 11.79 18.71 3.05
C VAL A 445 10.42 19.24 3.43
N MET A 446 9.96 18.90 4.64
CA MET A 446 8.67 19.35 5.16
C MET A 446 8.87 19.99 6.54
N ASN A 447 8.13 21.06 6.77
CA ASN A 447 8.04 21.69 8.06
C ASN A 447 6.68 21.30 8.66
N LYS A 448 6.69 20.36 9.61
CA LYS A 448 5.47 19.90 10.27
C LYS A 448 4.97 20.88 11.37
N ASN A 449 5.75 21.92 11.64
CA ASN A 449 5.36 22.89 12.65
C ASN A 449 4.13 23.69 12.22
N TYR A 450 3.23 23.88 13.16
CA TYR A 450 1.94 24.48 12.86
C TYR A 450 2.04 25.99 12.70
N THR A 451 3.10 26.62 13.25
CA THR A 451 3.14 28.07 13.34
C THR A 451 4.50 28.71 12.99
N ASP A 452 5.59 27.98 13.20
CA ASP A 452 6.95 28.54 13.08
C ASP A 452 7.64 28.14 11.77
N SER A 453 8.47 29.02 11.25
CA SER A 453 9.20 28.71 10.03
C SER A 453 10.51 28.05 10.44
N ILE A 454 11.11 27.30 9.53
CA ILE A 454 12.38 26.67 9.80
C ILE A 454 13.44 27.13 8.81
N ASN A 455 14.55 27.57 9.36
CA ASN A 455 15.77 27.76 8.60
C ASN A 455 16.53 26.46 8.52
N PHE A 456 16.56 25.90 7.33
CA PHE A 456 17.24 24.64 7.14
C PHE A 456 18.63 24.97 6.66
N ASN A 457 19.61 24.47 7.39
CA ASN A 457 21.00 24.59 7.03
C ASN A 457 21.46 23.23 6.50
N PHE A 458 21.74 23.17 5.20
CA PHE A 458 22.03 21.92 4.53
C PHE A 458 23.51 21.74 4.37
N ASN A 459 23.97 20.53 4.71
CA ASN A 459 25.35 20.15 4.49
C ASN A 459 25.39 18.88 3.66
N VAL A 460 25.72 19.04 2.38
CA VAL A 460 25.78 17.90 1.48
C VAL A 460 27.22 17.40 1.36
N SER A 461 27.46 16.21 1.92
CA SER A 461 28.74 15.53 1.71
C SER A 461 28.64 14.64 0.45
N SER A 462 29.38 15.02 -0.59
CA SER A 462 29.32 14.37 -1.89
C SER A 462 30.57 14.71 -2.70
N ASN A 463 30.95 13.82 -3.62
CA ASN A 463 31.98 14.11 -4.61
C ASN A 463 31.44 14.95 -5.79
N LYS A 464 30.13 15.02 -5.95
CA LYS A 464 29.48 15.97 -6.86
C LYS A 464 29.64 17.41 -6.36
N ASN A 465 29.58 18.36 -7.25
CA ASN A 465 29.60 19.76 -6.84
C ASN A 465 28.30 20.48 -7.26
N TYR A 466 27.35 20.57 -6.35
CA TYR A 466 26.05 21.08 -6.75
C TYR A 466 26.16 22.58 -6.74
N THR A 467 25.66 23.23 -7.80
CA THR A 467 25.85 24.69 -7.93
C THR A 467 24.54 25.45 -8.00
N SER A 468 23.44 24.76 -8.29
CA SER A 468 22.13 25.40 -8.30
C SER A 468 21.05 24.51 -7.70
N GLY A 469 20.04 25.14 -7.11
CA GLY A 469 18.89 24.44 -6.55
C GLY A 469 17.59 25.09 -6.97
N GLN A 470 16.66 24.28 -7.46
CA GLN A 470 15.27 24.71 -7.72
C GLN A 470 14.31 24.06 -6.73
N VAL A 471 13.21 24.72 -6.46
CA VAL A 471 12.33 24.32 -5.37
C VAL A 471 10.86 24.39 -5.77
N TRP A 472 10.11 23.31 -5.49
CA TRP A 472 8.66 23.24 -5.73
C TRP A 472 7.94 22.80 -4.47
N GLY A 473 6.75 23.32 -4.23
CA GLY A 473 6.06 22.97 -2.99
C GLY A 473 4.61 23.33 -2.85
N PHE A 474 4.00 22.81 -1.79
CA PHE A 474 2.64 23.09 -1.43
C PHE A 474 2.64 23.36 0.05
N ASP A 475 1.58 24.02 0.51
CA ASP A 475 1.53 24.54 1.86
C ASP A 475 0.05 24.73 2.22
N SER A 476 -0.20 25.36 3.37
CA SER A 476 -1.56 25.49 3.89
C SER A 476 -2.42 26.45 3.09
N ASN A 477 -1.80 27.21 2.19
CA ASN A 477 -2.52 28.18 1.37
C ASN A 477 -3.03 27.57 0.04
N SER A 478 -2.30 26.59 -0.49
CA SER A 478 -2.78 25.83 -1.67
C SER A 478 -2.14 24.46 -1.83
N SER A 479 -2.97 23.48 -2.23
CA SER A 479 -2.53 22.13 -2.65
C SER A 479 -1.76 22.11 -3.98
N ASN A 480 -1.95 23.16 -4.79
CA ASN A 480 -1.28 23.27 -6.08
C ASN A 480 0.21 23.41 -5.86
N ILE A 481 1.00 22.60 -6.53
CA ILE A 481 2.43 22.68 -6.36
C ILE A 481 2.94 23.86 -7.17
N THR A 482 3.55 24.83 -6.49
CA THR A 482 4.08 26.01 -7.15
C THR A 482 5.61 25.97 -7.12
N LYS A 483 6.24 26.44 -8.19
CA LYS A 483 7.67 26.66 -8.19
C LYS A 483 7.97 27.80 -7.24
N ARG A 484 8.85 27.51 -6.28
CA ARG A 484 9.24 28.51 -5.30
C ARG A 484 10.58 29.14 -5.70
N ASP A 485 11.04 30.08 -4.92
CA ASP A 485 12.30 30.73 -5.18
C ASP A 485 13.48 29.75 -5.22
N ASP A 486 14.40 29.96 -6.16
CA ASP A 486 15.59 29.11 -6.25
C ASP A 486 16.39 29.19 -4.98
N VAL A 487 17.11 28.12 -4.69
CA VAL A 487 18.18 28.17 -3.69
C VAL A 487 19.10 29.35 -4.00
N SER A 488 19.28 30.18 -2.98
CA SER A 488 20.02 31.44 -3.05
C SER A 488 21.39 31.30 -3.68
N SER A 489 22.22 30.51 -3.00
CA SER A 489 23.61 30.35 -3.41
C SER A 489 24.08 29.06 -2.79
N ILE A 490 24.88 28.33 -3.55
CA ILE A 490 25.48 27.12 -3.05
C ILE A 490 26.99 27.26 -3.09
N SER A 491 27.61 27.02 -1.95
CA SER A 491 29.03 27.17 -1.84
C SER A 491 29.53 25.97 -1.13
N GLY A 492 30.39 25.21 -1.79
CA GLY A 492 30.99 24.04 -1.18
C GLY A 492 29.94 23.04 -0.73
N ASN A 493 28.92 22.81 -1.55
CA ASN A 493 27.80 21.92 -1.22
C ASN A 493 27.05 22.23 0.11
N LYS A 494 26.98 23.52 0.44
CA LYS A 494 26.29 24.00 1.63
C LYS A 494 25.38 25.13 1.23
N PHE A 495 24.20 25.19 1.82
CA PHE A 495 23.23 26.20 1.48
C PHE A 495 22.17 26.22 2.56
N THR A 496 21.37 27.26 2.55
CA THR A 496 20.31 27.44 3.52
C THR A 496 19.01 27.58 2.72
N TYR A 497 17.89 27.15 3.33
CA TYR A 497 16.56 27.37 2.77
C TYR A 497 15.57 27.46 3.93
N LYS A 498 14.92 28.62 4.00
CA LYS A 498 13.88 28.91 4.96
C LYS A 498 12.50 28.48 4.45
N ILE A 499 11.83 27.65 5.23
CA ILE A 499 10.53 27.08 4.85
C ILE A 499 9.47 27.53 5.84
N PRO A 500 8.38 28.18 5.37
CA PRO A 500 7.34 28.54 6.33
C PRO A 500 6.65 27.29 6.92
N ALA A 501 5.86 27.50 7.97
CA ALA A 501 5.10 26.45 8.66
C ALA A 501 4.22 25.67 7.69
N LEU A 502 4.03 24.38 7.97
CA LEU A 502 3.07 23.58 7.21
C LEU A 502 3.31 23.72 5.71
N THR A 503 4.53 23.37 5.30
CA THR A 503 4.96 23.50 3.92
C THR A 503 5.73 22.22 3.64
N ALA A 504 5.46 21.65 2.47
CA ALA A 504 6.26 20.52 1.98
C ALA A 504 6.89 20.94 0.63
N VAL A 505 8.17 20.64 0.47
CA VAL A 505 8.96 21.14 -0.63
C VAL A 505 9.79 19.97 -1.22
N HIS A 506 10.02 20.02 -2.54
CA HIS A 506 10.96 19.16 -3.29
C HIS A 506 12.09 20.08 -3.83
N ILE A 507 13.32 19.82 -3.41
CA ILE A 507 14.48 20.61 -3.86
C ILE A 507 15.23 19.80 -4.89
N VAL A 508 15.56 20.42 -6.02
CA VAL A 508 16.37 19.76 -7.06
C VAL A 508 17.73 20.48 -7.14
N LEU A 509 18.80 19.75 -6.84
CA LEU A 509 20.15 20.32 -6.96
C LEU A 509 20.80 19.80 -8.22
N LEU A 510 21.53 20.67 -8.90
CA LEU A 510 22.17 20.33 -10.18
C LEU A 510 23.66 20.70 -10.07
N GLU A 511 24.53 19.87 -10.62
CA GLU A 511 25.94 20.29 -10.84
C GLU A 511 26.01 21.38 -11.93
N HIS A 512 25.22 21.18 -12.98
CA HIS A 512 25.14 22.07 -14.14
C HIS A 512 23.67 22.20 -14.57
#